data_7HKB
#
_entry.id   7HKB
#
_cell.length_a   82.545
_cell.length_b   116.849
_cell.length_c   148.624
_cell.angle_alpha   90.00
_cell.angle_beta   90.00
_cell.angle_gamma   90.00
#
_symmetry.space_group_name_H-M   'I 2 2 2'
#
loop_
_entity.id
_entity.type
_entity.pdbx_description
1 polymer 'Genome polyprotein'
2 non-polymer 'ZINC ION'
3 non-polymer '2-(N-MORPHOLINO)-ETHANESULFONIC ACID'
4 non-polymer 'DIMETHYL SULFOXIDE'
5 non-polymer DI(HYDROXYETHYL)ETHER
6 non-polymer 'PHOSPHATE ION'
7 non-polymer N-{[(4R)-5,6,7,8-tetrahydro[1,2,4]triazolo[4,3-a]pyridin-3-yl]methyl}propanamide
8 water water
#
_entity_poly.entity_id   1
_entity_poly.type   'polypeptide(L)'
_entity_poly.pdbx_seq_one_letter_code
;GPGIESETPNLDIIGKRIEKIKQEHETSWHYDQDHPYKTWAYHGSYETKQTGSASSMVNGVVRLLTKPWDIIPMVTQMAM
TDTTPFGQQRVFKEKVDTRTQEPKEGTKKLMKITAEWLWKELGKKKTPRMCTREEFTRKVRSNAALGAIFTDENKWKSAR
EAVEDSGFWELVDKERNLHLEGKCETCVYNMMGKREKKLGEFGKAKGSRAIWYMWLGARFLEFEALGFLNEDHWFSRENS
LSGVEGEGLHKLGYILRDVSKKEGGAMYADDTAGWDTRITLEDLKNEEMVTNHMEGEHKKLAEAIFKLTYQNKVVRVQRP
TPRGTVMDIISRRDQRGSGQVVTYGLNTFTNMEAQLIRQMEGEGVFKSIQHLTVTEEIAVKNWLVRVGRERLSRMAISGD
DCVVKPLDDRFASALTALNDMGKVRKDIQQWEPSRGWNDWTQVPFCSHHFHELIMKDGRVLVVPCRNQDELIGRARISQG
AGWSLRETACLGKSYAQMWSLMYFHRRDLRLAANAICSAVPSHWVPTSRTTWSIHATHEWMTTEDMLTVWNRVWIQENPW
MEDKTPVESWEEIPYLGKREDQWCGSLIGLTSRATWAKNIQTAINQVRSLIGNEEYTDYMPSMKRFRREEEEAGVLW
;
_entity_poly.pdbx_strand_id   A
#
loop_
_chem_comp.id
_chem_comp.type
_chem_comp.name
_chem_comp.formula
A1AM1 non-polymer N-{[(4R)-5,6,7,8-tetrahydro[1,2,4]triazolo[4,3-a]pyridin-3-yl]methyl}propanamide 'C10 H16 N4 O'
DMS non-polymer 'DIMETHYL SULFOXIDE' 'C2 H6 O S'
MES non-polymer '2-(N-MORPHOLINO)-ETHANESULFONIC ACID' 'C6 H13 N O4 S'
PEG non-polymer DI(HYDROXYETHYL)ETHER 'C4 H10 O3'
PO4 non-polymer 'PHOSPHATE ION' 'O4 P -3'
ZN non-polymer 'ZINC ION' 'Zn 2'
#
# COMPACT_ATOMS: atom_id res chain seq x y z
N ASN A 10 -31.54 5.56 0.47
CA ASN A 10 -31.38 4.91 1.80
C ASN A 10 -31.90 3.47 1.68
N LEU A 11 -32.92 3.08 2.46
CA LEU A 11 -33.26 1.67 2.83
C LEU A 11 -33.71 0.88 1.59
N ASP A 12 -34.13 1.57 0.52
CA ASP A 12 -34.46 0.94 -0.78
C ASP A 12 -33.22 0.26 -1.37
N ILE A 13 -32.01 0.79 -1.13
CA ILE A 13 -30.73 0.25 -1.71
C ILE A 13 -30.07 -0.73 -0.72
N ILE A 14 -30.17 -0.52 0.59
CA ILE A 14 -29.48 -1.34 1.63
C ILE A 14 -30.43 -2.35 2.31
N GLY A 15 -31.75 -2.14 2.26
CA GLY A 15 -32.77 -2.96 2.96
C GLY A 15 -32.61 -4.45 2.73
N LYS A 16 -32.50 -4.85 1.47
CA LYS A 16 -32.40 -6.26 1.02
C LYS A 16 -31.24 -6.96 1.74
N ARG A 17 -30.07 -6.32 1.82
CA ARG A 17 -28.88 -6.87 2.52
C ARG A 17 -29.22 -7.00 4.01
N ILE A 18 -29.87 -5.99 4.58
CA ILE A 18 -30.24 -5.94 6.02
C ILE A 18 -31.31 -7.02 6.26
N GLU A 19 -32.43 -6.95 5.53
CA GLU A 19 -33.50 -7.98 5.46
C GLU A 19 -32.88 -9.37 5.59
N LYS A 20 -31.98 -9.72 4.66
CA LYS A 20 -31.40 -11.08 4.50
C LYS A 20 -30.61 -11.49 5.75
N ILE A 21 -29.89 -10.57 6.39
CA ILE A 21 -29.06 -10.88 7.58
C ILE A 21 -30.00 -11.06 8.79
N LYS A 22 -31.00 -10.19 8.91
CA LYS A 22 -32.05 -10.24 9.97
C LYS A 22 -32.65 -11.65 10.07
N GLN A 23 -32.98 -12.27 8.92
CA GLN A 23 -33.68 -13.58 8.83
C GLN A 23 -32.73 -14.74 9.16
N GLU A 24 -31.42 -14.60 8.96
CA GLU A 24 -30.43 -15.68 9.27
C GLU A 24 -30.16 -15.74 10.78
N HIS A 25 -30.52 -14.68 11.52
CA HIS A 25 -30.32 -14.55 12.98
C HIS A 25 -31.62 -14.05 13.62
N GLU A 26 -32.76 -14.57 13.14
CA GLU A 26 -34.14 -14.25 13.62
C GLU A 26 -34.25 -14.58 15.10
N THR A 27 -33.53 -15.60 15.57
CA THR A 27 -33.48 -16.05 16.99
C THR A 27 -32.91 -14.95 17.89
N SER A 28 -32.03 -14.08 17.37
CA SER A 28 -31.19 -13.16 18.19
C SER A 28 -31.38 -11.68 17.82
N TRP A 29 -32.30 -11.32 16.92
CA TRP A 29 -32.45 -9.92 16.45
C TRP A 29 -33.03 -9.05 17.57
N HIS A 30 -32.42 -7.89 17.80
CA HIS A 30 -32.83 -6.90 18.85
C HIS A 30 -32.20 -5.54 18.54
N TYR A 31 -33.01 -4.48 18.44
CA TYR A 31 -32.56 -3.07 18.31
C TYR A 31 -32.02 -2.60 19.68
N ASP A 32 -30.74 -2.90 19.96
CA ASP A 32 -30.01 -2.50 21.19
C ASP A 32 -30.05 -0.96 21.33
N GLN A 33 -30.39 -0.47 22.52
CA GLN A 33 -30.63 0.98 22.80
C GLN A 33 -29.35 1.63 23.34
N ASP A 34 -28.37 0.82 23.76
CA ASP A 34 -27.05 1.28 24.28
C ASP A 34 -25.99 1.17 23.16
N HIS A 35 -26.38 1.39 21.90
CA HIS A 35 -25.47 1.31 20.72
C HIS A 35 -24.54 2.51 20.73
N PRO A 36 -23.20 2.31 20.57
CA PRO A 36 -22.23 3.40 20.66
C PRO A 36 -22.03 4.30 19.42
N TYR A 37 -22.85 4.17 18.38
CA TYR A 37 -22.65 4.85 17.06
C TYR A 37 -23.33 6.22 17.10
N LYS A 38 -22.70 7.22 16.47
CA LYS A 38 -23.28 8.57 16.25
C LYS A 38 -23.35 8.92 14.75
N THR A 39 -22.32 8.57 13.96
CA THR A 39 -22.20 8.99 12.54
C THR A 39 -22.60 7.85 11.58
N TRP A 40 -22.49 6.59 12.02
CA TRP A 40 -23.03 5.41 11.32
C TRP A 40 -24.52 5.29 11.65
N ALA A 41 -25.34 4.93 10.65
CA ALA A 41 -26.75 4.49 10.83
C ALA A 41 -26.74 3.06 11.35
N TYR A 42 -27.36 2.86 12.52
CA TYR A 42 -27.53 1.55 13.21
C TYR A 42 -28.83 0.93 12.71
N HIS A 43 -28.90 -0.40 12.75
CA HIS A 43 -30.08 -1.12 12.23
C HIS A 43 -30.51 -2.19 13.24
N GLY A 44 -29.57 -2.99 13.73
CA GLY A 44 -29.86 -4.07 14.69
C GLY A 44 -28.61 -4.79 15.13
N SER A 45 -28.76 -5.70 16.09
CA SER A 45 -27.68 -6.58 16.62
C SER A 45 -28.16 -8.03 16.57
N TYR A 46 -27.25 -8.98 16.77
CA TYR A 46 -27.47 -10.45 16.78
C TYR A 46 -26.26 -11.13 17.43
N GLU A 47 -26.44 -12.38 17.87
CA GLU A 47 -25.52 -13.11 18.78
C GLU A 47 -24.39 -13.75 17.97
N THR A 48 -23.13 -13.62 18.43
CA THR A 48 -21.92 -14.30 17.88
C THR A 48 -20.99 -14.60 19.05
N LYS A 49 -19.77 -15.10 18.81
CA LYS A 49 -18.76 -15.38 19.86
C LYS A 49 -17.44 -15.84 19.20
N GLN A 50 -16.48 -14.92 19.02
CA GLN A 50 -15.12 -15.20 18.48
C GLN A 50 -14.29 -13.90 18.52
N THR A 51 -13.09 -13.91 17.91
CA THR A 51 -12.18 -12.74 17.78
C THR A 51 -12.74 -11.78 16.74
N ALA A 54 -5.80 -13.11 16.46
CA ALA A 54 -4.84 -13.26 15.35
C ALA A 54 -3.61 -12.38 15.61
N SER A 55 -2.92 -12.60 16.75
CA SER A 55 -1.74 -11.81 17.21
C SER A 55 -0.52 -12.10 16.33
N SER A 56 0.53 -11.28 16.46
CA SER A 56 1.80 -11.42 15.72
C SER A 56 2.69 -12.45 16.43
N MET A 57 3.17 -13.45 15.69
CA MET A 57 4.01 -14.56 16.18
C MET A 57 5.48 -14.25 15.84
N VAL A 58 6.43 -14.73 16.61
CA VAL A 58 7.86 -14.48 16.29
C VAL A 58 8.38 -15.52 15.29
N ASN A 59 9.14 -15.07 14.27
CA ASN A 59 9.96 -15.91 13.40
C ASN A 59 11.28 -16.31 14.11
N GLY A 60 11.35 -17.55 14.58
CA GLY A 60 12.50 -18.11 15.33
C GLY A 60 13.78 -18.14 14.53
N VAL A 61 13.69 -18.39 13.21
CA VAL A 61 14.91 -18.40 12.37
C VAL A 61 15.53 -17.02 12.35
N VAL A 62 14.76 -15.96 12.08
CA VAL A 62 15.33 -14.59 12.00
C VAL A 62 15.79 -14.18 13.42
N ARG A 63 15.03 -14.45 14.48
CA ARG A 63 15.42 -13.99 15.83
C ARG A 63 16.75 -14.67 16.24
N LEU A 64 16.91 -15.95 16.01
CA LEU A 64 18.16 -16.65 16.47
C LEU A 64 19.36 -16.07 15.73
N LEU A 65 19.17 -15.50 14.54
CA LEU A 65 20.32 -14.92 13.76
C LEU A 65 20.43 -13.39 13.95
N THR A 66 19.64 -12.79 14.84
CA THR A 66 19.73 -11.34 15.16
C THR A 66 19.80 -11.13 16.68
N LYS A 67 20.68 -11.85 17.37
CA LYS A 67 20.71 -11.88 18.84
C LYS A 67 20.95 -10.48 19.42
N PRO A 68 21.81 -9.59 18.89
CA PRO A 68 22.05 -8.30 19.54
C PRO A 68 20.76 -7.48 19.74
N TRP A 69 19.77 -7.69 18.85
CA TRP A 69 18.47 -6.97 18.88
C TRP A 69 17.54 -7.57 19.92
N ASP A 70 17.92 -8.66 20.60
CA ASP A 70 17.05 -9.23 21.67
C ASP A 70 16.90 -8.26 22.86
N ILE A 71 17.80 -7.30 23.01
CA ILE A 71 17.81 -6.33 24.14
C ILE A 71 17.52 -4.92 23.67
N ILE A 72 16.96 -4.73 22.46
CA ILE A 72 16.62 -3.41 21.91
C ILE A 72 15.11 -3.28 21.93
N PRO A 73 14.53 -2.51 22.87
CA PRO A 73 13.08 -2.42 22.98
C PRO A 73 12.36 -1.98 21.70
N MET A 74 12.94 -1.11 20.88
CA MET A 74 12.24 -0.70 19.65
C MET A 74 12.02 -1.92 18.73
N VAL A 75 12.87 -2.96 18.81
CA VAL A 75 12.68 -4.22 18.04
C VAL A 75 11.71 -5.13 18.81
N THR A 76 12.00 -5.41 20.08
CA THR A 76 11.29 -6.47 20.85
C THR A 76 9.84 -6.08 21.09
N GLN A 77 9.55 -4.79 21.28
CA GLN A 77 8.16 -4.34 21.56
C GLN A 77 7.28 -4.49 20.32
N MET A 78 7.83 -4.50 19.09
CA MET A 78 7.02 -4.62 17.84
C MET A 78 6.28 -5.96 17.80
N ALA A 79 6.79 -7.00 18.42
CA ALA A 79 6.18 -8.36 18.39
C ALA A 79 5.10 -8.50 19.48
N MET A 80 4.94 -7.56 20.41
CA MET A 80 3.98 -7.71 21.54
C MET A 80 2.59 -7.19 21.14
N THR A 81 1.52 -7.68 21.79
CA THR A 81 0.16 -7.11 21.73
C THR A 81 -0.91 -8.16 21.51
N LYS A 93 -10.83 3.37 16.35
CA LYS A 93 -12.20 3.18 15.79
C LYS A 93 -13.07 4.41 16.09
N GLU A 94 -12.50 5.40 16.81
CA GLU A 94 -13.18 6.70 17.12
C GLU A 94 -12.67 7.77 16.15
N LYS A 95 -11.99 7.36 15.06
CA LYS A 95 -11.78 8.13 13.81
C LYS A 95 -12.77 7.70 12.70
N VAL A 96 -13.09 6.40 12.65
CA VAL A 96 -14.08 5.82 11.71
C VAL A 96 -15.47 6.36 12.05
N ASP A 97 -15.79 6.49 13.35
CA ASP A 97 -17.08 7.07 13.84
C ASP A 97 -16.89 8.59 14.04
N THR A 98 -16.62 9.32 12.94
CA THR A 98 -16.65 10.80 12.83
C THR A 98 -17.29 11.15 11.48
N ARG A 99 -17.52 12.45 11.22
CA ARG A 99 -18.21 12.93 10.00
C ARG A 99 -17.36 14.03 9.34
N THR A 100 -17.36 14.06 8.01
CA THR A 100 -16.80 15.16 7.18
C THR A 100 -17.94 16.06 6.72
N GLN A 101 -17.73 17.38 6.71
CA GLN A 101 -18.73 18.40 6.26
C GLN A 101 -18.73 18.43 4.72
N GLU A 102 -19.85 18.86 4.12
CA GLU A 102 -19.99 19.04 2.65
C GLU A 102 -19.07 20.18 2.19
N PRO A 103 -18.25 19.96 1.14
CA PRO A 103 -17.45 21.05 0.58
C PRO A 103 -18.36 22.15 0.03
N LYS A 104 -17.81 23.36 -0.12
CA LYS A 104 -18.49 24.56 -0.67
C LYS A 104 -18.65 24.39 -2.19
N GLU A 105 -19.46 25.23 -2.81
CA GLU A 105 -19.83 25.13 -4.25
C GLU A 105 -18.59 25.31 -5.12
N GLY A 106 -17.75 26.31 -4.80
CA GLY A 106 -16.47 26.54 -5.51
C GLY A 106 -15.59 25.28 -5.47
N THR A 107 -15.47 24.66 -4.31
CA THR A 107 -14.63 23.42 -4.11
C THR A 107 -15.19 22.28 -4.96
N LYS A 108 -16.50 21.98 -4.84
CA LYS A 108 -17.23 20.98 -5.67
C LYS A 108 -17.00 21.20 -7.17
N LYS A 109 -17.05 22.43 -7.67
CA LYS A 109 -16.76 22.73 -9.09
C LYS A 109 -15.31 22.38 -9.44
N LEU A 110 -14.34 22.80 -8.60
CA LEU A 110 -12.87 22.56 -8.85
C LEU A 110 -12.63 21.05 -8.96
N MET A 111 -13.20 20.29 -8.04
CA MET A 111 -13.06 18.82 -7.99
C MET A 111 -13.68 18.18 -9.25
N LYS A 112 -14.87 18.63 -9.69
CA LYS A 112 -15.57 18.02 -10.84
C LYS A 112 -14.78 18.26 -12.12
N ILE A 113 -14.34 19.51 -12.33
CA ILE A 113 -13.54 19.88 -13.54
C ILE A 113 -12.24 19.08 -13.55
N THR A 114 -11.56 19.00 -12.41
CA THR A 114 -10.23 18.35 -12.31
C THR A 114 -10.40 16.84 -12.55
N ALA A 115 -11.40 16.24 -11.91
CA ALA A 115 -11.70 14.80 -12.03
C ALA A 115 -12.04 14.45 -13.50
N GLU A 116 -12.90 15.24 -14.14
CA GLU A 116 -13.28 15.04 -15.57
C GLU A 116 -11.99 15.03 -16.40
N TRP A 117 -11.15 16.03 -16.23
CA TRP A 117 -9.90 16.17 -17.00
C TRP A 117 -8.99 14.95 -16.70
N LEU A 118 -8.91 14.51 -15.45
CA LEU A 118 -7.88 13.51 -15.05
C LEU A 118 -8.25 12.13 -15.61
N TRP A 119 -9.52 11.72 -15.52
CA TRP A 119 -10.00 10.44 -16.14
C TRP A 119 -9.70 10.43 -17.64
N LYS A 120 -9.97 11.56 -18.34
CA LYS A 120 -9.64 11.67 -19.77
C LYS A 120 -8.15 11.45 -19.99
N GLU A 121 -7.25 12.11 -19.24
CA GLU A 121 -5.80 11.93 -19.44
C GLU A 121 -5.40 10.49 -19.20
N LEU A 122 -5.94 9.88 -18.13
CA LEU A 122 -5.54 8.51 -17.74
C LEU A 122 -6.07 7.54 -18.80
N GLY A 123 -7.19 7.89 -19.44
CA GLY A 123 -7.88 7.07 -20.47
C GLY A 123 -7.32 7.27 -21.87
N LYS A 124 -6.48 8.27 -22.12
CA LYS A 124 -5.93 8.52 -23.50
C LYS A 124 -5.24 7.25 -24.07
N LYS A 125 -4.42 6.54 -23.30
CA LYS A 125 -3.62 5.42 -23.83
C LYS A 125 -4.05 4.07 -23.21
N LYS A 126 -5.24 3.98 -22.63
CA LYS A 126 -5.72 2.77 -21.91
C LYS A 126 -7.17 2.55 -22.33
N THR A 127 -7.65 1.30 -22.23
CA THR A 127 -9.07 0.94 -22.54
C THR A 127 -9.68 0.21 -21.35
N PRO A 128 -10.70 0.80 -20.68
CA PRO A 128 -11.38 0.08 -19.60
C PRO A 128 -11.93 -1.24 -20.15
N ARG A 129 -11.91 -2.29 -19.33
CA ARG A 129 -12.35 -3.64 -19.72
C ARG A 129 -12.61 -4.45 -18.44
N MET A 130 -13.49 -5.47 -18.52
CA MET A 130 -13.78 -6.38 -17.40
C MET A 130 -12.63 -7.34 -17.20
N CYS A 131 -12.34 -7.67 -15.94
CA CYS A 131 -11.37 -8.72 -15.58
C CYS A 131 -12.14 -10.06 -15.49
N THR A 132 -11.46 -11.18 -15.63
CA THR A 132 -12.12 -12.48 -15.96
C THR A 132 -12.09 -13.43 -14.77
N ARG A 133 -13.05 -14.36 -14.72
CA ARG A 133 -13.06 -15.52 -13.79
C ARG A 133 -11.67 -16.14 -13.82
N GLU A 134 -11.10 -16.28 -15.01
CA GLU A 134 -9.76 -16.89 -15.22
C GLU A 134 -8.72 -16.10 -14.44
N GLU A 135 -8.63 -14.78 -14.69
CA GLU A 135 -7.66 -13.88 -14.01
C GLU A 135 -7.84 -13.92 -12.49
N PHE A 136 -9.10 -13.94 -12.03
CA PHE A 136 -9.47 -14.02 -10.60
C PHE A 136 -9.01 -15.37 -10.04
N THR A 137 -9.41 -16.46 -10.70
CA THR A 137 -9.04 -17.86 -10.37
C THR A 137 -7.52 -17.96 -10.27
N ARG A 138 -6.80 -17.34 -11.21
CA ARG A 138 -5.31 -17.42 -11.26
C ARG A 138 -4.75 -16.65 -10.06
N LYS A 139 -5.34 -15.51 -9.72
CA LYS A 139 -4.94 -14.71 -8.53
C LYS A 139 -5.11 -15.56 -7.26
N VAL A 140 -6.26 -16.21 -7.08
CA VAL A 140 -6.57 -16.96 -5.82
C VAL A 140 -5.64 -18.17 -5.74
N ARG A 141 -5.28 -18.77 -6.89
CA ARG A 141 -4.40 -19.97 -6.98
C ARG A 141 -2.92 -19.58 -6.92
N SER A 142 -2.60 -18.38 -6.41
CA SER A 142 -1.20 -17.92 -6.17
C SER A 142 -1.16 -16.88 -5.04
N ASN A 143 -2.06 -16.99 -4.06
CA ASN A 143 -2.03 -16.26 -2.75
C ASN A 143 -1.79 -14.76 -2.94
N ALA A 144 -2.81 -14.04 -3.42
CA ALA A 144 -2.90 -12.56 -3.34
C ALA A 144 -3.89 -12.20 -2.23
N ALA A 145 -3.57 -11.18 -1.42
CA ALA A 145 -4.39 -10.71 -0.27
C ALA A 145 -5.65 -10.00 -0.80
N LEU A 146 -6.69 -10.77 -1.13
CA LEU A 146 -7.94 -10.27 -1.76
C LEU A 146 -8.95 -9.84 -0.68
N GLY A 147 -8.62 -10.00 0.60
CA GLY A 147 -9.46 -9.54 1.74
C GLY A 147 -10.83 -10.18 1.73
N ALA A 148 -10.90 -11.51 1.58
CA ALA A 148 -12.15 -12.32 1.64
C ALA A 148 -12.30 -12.93 3.05
N ILE A 149 -13.38 -13.68 3.30
CA ILE A 149 -13.69 -14.33 4.61
C ILE A 149 -13.75 -15.86 4.44
N PHE A 150 -13.66 -16.60 5.55
CA PHE A 150 -13.69 -18.09 5.59
C PHE A 150 -15.00 -18.60 4.96
N ASN A 154 -20.35 -20.06 6.32
CA ASN A 154 -19.30 -20.69 5.47
C ASN A 154 -19.89 -21.93 4.78
N LYS A 155 -19.30 -22.31 3.64
CA LYS A 155 -19.79 -23.36 2.71
C LYS A 155 -18.60 -24.06 2.03
N TRP A 156 -17.52 -23.31 1.74
CA TRP A 156 -16.17 -23.82 1.36
C TRP A 156 -15.16 -23.37 2.42
N LYS A 157 -14.04 -24.08 2.55
CA LYS A 157 -12.95 -23.78 3.52
C LYS A 157 -12.28 -22.45 3.11
N SER A 158 -11.51 -22.48 2.02
CA SER A 158 -10.62 -21.39 1.55
C SER A 158 -11.11 -20.86 0.19
N ALA A 159 -10.45 -19.80 -0.30
CA ALA A 159 -10.70 -19.17 -1.61
C ALA A 159 -10.46 -20.19 -2.73
N ARG A 160 -9.36 -20.96 -2.62
CA ARG A 160 -8.95 -21.98 -3.62
C ARG A 160 -10.13 -22.94 -3.91
N GLU A 161 -10.86 -23.39 -2.89
CA GLU A 161 -11.94 -24.42 -3.02
C GLU A 161 -13.21 -23.84 -3.63
N ALA A 162 -13.61 -22.62 -3.23
CA ALA A 162 -14.81 -21.92 -3.73
C ALA A 162 -14.71 -21.72 -5.24
N VAL A 163 -13.51 -21.39 -5.72
CA VAL A 163 -13.18 -21.02 -7.12
C VAL A 163 -13.22 -22.28 -8.00
N GLU A 164 -12.92 -23.45 -7.42
CA GLU A 164 -12.96 -24.77 -8.11
C GLU A 164 -14.29 -25.48 -7.81
N ASP A 165 -15.42 -24.77 -7.91
CA ASP A 165 -16.78 -25.31 -7.59
C ASP A 165 -17.85 -24.42 -8.22
N SER A 166 -18.65 -25.00 -9.12
CA SER A 166 -19.64 -24.30 -9.98
C SER A 166 -20.79 -23.71 -9.16
N GLY A 167 -21.01 -24.20 -7.93
CA GLY A 167 -22.08 -23.73 -7.03
C GLY A 167 -21.86 -22.26 -6.67
N PHE A 168 -20.67 -21.95 -6.17
CA PHE A 168 -20.13 -20.58 -5.96
C PHE A 168 -20.51 -19.68 -7.14
N TRP A 169 -20.04 -20.02 -8.35
CA TRP A 169 -20.22 -19.17 -9.55
C TRP A 169 -21.72 -18.95 -9.84
N GLU A 170 -22.62 -19.82 -9.38
CA GLU A 170 -24.09 -19.63 -9.51
C GLU A 170 -24.55 -18.55 -8.51
N LEU A 171 -23.91 -18.49 -7.34
CA LEU A 171 -24.16 -17.44 -6.32
C LEU A 171 -23.67 -16.10 -6.89
N VAL A 172 -22.42 -16.09 -7.39
CA VAL A 172 -21.81 -14.98 -8.17
C VAL A 172 -22.80 -14.56 -9.27
N ASP A 173 -23.30 -15.51 -10.07
CA ASP A 173 -24.27 -15.23 -11.18
C ASP A 173 -25.53 -14.58 -10.61
N LYS A 174 -26.10 -15.11 -9.53
CA LYS A 174 -27.35 -14.55 -8.96
C LYS A 174 -27.11 -13.07 -8.65
N GLU A 175 -26.05 -12.76 -7.89
CA GLU A 175 -25.73 -11.37 -7.47
C GLU A 175 -25.45 -10.53 -8.72
N ARG A 176 -24.66 -11.09 -9.65
CA ARG A 176 -24.29 -10.39 -10.91
C ARG A 176 -25.56 -9.88 -11.60
N ASN A 177 -26.58 -10.74 -11.75
CA ASN A 177 -27.85 -10.39 -12.44
C ASN A 177 -28.64 -9.41 -11.56
N LEU A 178 -28.52 -9.52 -10.23
CA LEU A 178 -29.09 -8.52 -9.30
C LEU A 178 -28.45 -7.14 -9.53
N HIS A 179 -27.12 -7.06 -9.70
CA HIS A 179 -26.40 -5.79 -10.02
C HIS A 179 -26.85 -5.21 -11.37
N LEU A 180 -26.96 -6.03 -12.43
CA LEU A 180 -27.45 -5.59 -13.77
C LEU A 180 -28.86 -5.00 -13.64
N GLU A 181 -29.65 -5.50 -12.68
CA GLU A 181 -31.02 -5.02 -12.34
C GLU A 181 -30.96 -3.83 -11.35
N GLY A 182 -29.76 -3.43 -10.89
CA GLY A 182 -29.57 -2.23 -10.05
C GLY A 182 -29.86 -2.47 -8.56
N LYS A 183 -29.72 -3.72 -8.08
CA LYS A 183 -30.06 -4.16 -6.71
C LYS A 183 -28.90 -5.00 -6.15
N CYS A 184 -28.87 -5.24 -4.84
CA CYS A 184 -27.76 -5.94 -4.11
C CYS A 184 -28.32 -6.76 -2.95
N GLU A 185 -27.79 -7.96 -2.71
CA GLU A 185 -28.29 -8.86 -1.62
C GLU A 185 -27.16 -9.31 -0.68
N THR A 186 -25.95 -9.55 -1.18
CA THR A 186 -24.89 -10.24 -0.42
C THR A 186 -23.60 -9.43 -0.31
N CYS A 187 -23.50 -8.22 -0.91
CA CYS A 187 -22.27 -7.40 -0.88
C CYS A 187 -22.21 -6.58 0.43
N VAL A 188 -21.74 -7.20 1.52
CA VAL A 188 -21.73 -6.66 2.91
C VAL A 188 -20.30 -6.67 3.47
N TYR A 189 -19.87 -5.59 4.11
CA TYR A 189 -18.49 -5.50 4.67
C TYR A 189 -18.47 -6.11 6.07
N ASN A 190 -17.32 -6.64 6.47
CA ASN A 190 -16.99 -7.10 7.85
C ASN A 190 -15.75 -6.33 8.31
N MET A 191 -15.85 -5.55 9.38
CA MET A 191 -14.78 -4.62 9.84
C MET A 191 -13.83 -5.38 10.78
N MET A 192 -12.53 -5.06 10.75
CA MET A 192 -11.47 -5.71 11.58
C MET A 192 -10.15 -4.92 11.47
N SER A 208 -4.26 3.60 13.36
CA SER A 208 -4.91 4.44 12.30
C SER A 208 -5.23 3.59 11.07
N ARG A 209 -5.77 2.39 11.29
CA ARG A 209 -6.10 1.39 10.22
C ARG A 209 -7.56 0.94 10.37
N ALA A 210 -8.01 0.10 9.44
CA ALA A 210 -9.34 -0.55 9.41
C ALA A 210 -9.46 -1.33 8.09
N ILE A 211 -9.59 -2.65 8.15
CA ILE A 211 -9.71 -3.53 6.94
C ILE A 211 -11.16 -4.02 6.84
N TRP A 212 -11.72 -3.92 5.64
CA TRP A 212 -13.14 -4.23 5.32
C TRP A 212 -13.16 -5.50 4.46
N TYR A 213 -13.10 -6.67 5.09
CA TYR A 213 -13.21 -8.00 4.44
C TYR A 213 -14.63 -8.15 3.86
N MET A 214 -14.75 -8.81 2.70
CA MET A 214 -16.05 -9.16 2.06
C MET A 214 -16.02 -10.65 1.72
N TRP A 215 -17.17 -11.24 1.38
CA TRP A 215 -17.21 -12.63 0.88
C TRP A 215 -16.60 -12.67 -0.53
N LEU A 216 -15.97 -13.79 -0.90
CA LEU A 216 -15.14 -13.92 -2.11
C LEU A 216 -15.94 -13.51 -3.36
N GLY A 217 -17.23 -13.84 -3.38
CA GLY A 217 -18.19 -13.47 -4.43
C GLY A 217 -18.27 -11.97 -4.66
N ALA A 218 -18.45 -11.19 -3.59
CA ALA A 218 -18.54 -9.70 -3.68
C ALA A 218 -17.19 -9.14 -4.15
N ARG A 219 -16.08 -9.77 -3.76
CA ARG A 219 -14.69 -9.38 -4.14
C ARG A 219 -14.50 -9.63 -5.62
N PHE A 220 -15.08 -10.72 -6.13
CA PHE A 220 -14.97 -11.08 -7.55
C PHE A 220 -15.62 -9.98 -8.39
N LEU A 221 -16.86 -9.66 -8.07
CA LEU A 221 -17.69 -8.66 -8.80
C LEU A 221 -17.03 -7.26 -8.75
N GLU A 222 -16.43 -6.91 -7.61
CA GLU A 222 -15.57 -5.69 -7.53
C GLU A 222 -14.42 -5.84 -8.55
N PHE A 223 -13.73 -7.00 -8.61
CA PHE A 223 -12.52 -7.19 -9.45
C PHE A 223 -12.91 -7.19 -10.93
N GLU A 224 -14.04 -7.80 -11.26
CA GLU A 224 -14.56 -7.85 -12.63
C GLU A 224 -14.76 -6.43 -13.17
N ALA A 225 -15.31 -5.53 -12.36
CA ALA A 225 -15.75 -4.20 -12.81
C ALA A 225 -14.63 -3.16 -12.73
N LEU A 226 -13.70 -3.27 -11.77
CA LEU A 226 -12.72 -2.17 -11.46
C LEU A 226 -11.29 -2.69 -11.36
N GLY A 227 -11.06 -3.99 -11.55
CA GLY A 227 -9.71 -4.60 -11.49
C GLY A 227 -8.78 -4.06 -12.57
N PHE A 228 -9.35 -3.61 -13.67
CA PHE A 228 -8.56 -3.07 -14.80
C PHE A 228 -7.66 -1.93 -14.35
N LEU A 229 -8.09 -1.11 -13.39
CA LEU A 229 -7.25 0.04 -12.89
C LEU A 229 -5.88 -0.48 -12.46
N ASN A 230 -5.85 -1.58 -11.73
CA ASN A 230 -4.57 -2.19 -11.28
C ASN A 230 -4.00 -3.14 -12.36
N GLU A 231 -4.82 -4.04 -12.91
CA GLU A 231 -4.31 -5.11 -13.83
C GLU A 231 -3.62 -4.49 -15.07
N ASP A 232 -4.11 -3.34 -15.56
CA ASP A 232 -3.60 -2.66 -16.78
C ASP A 232 -2.86 -1.35 -16.42
N HIS A 233 -2.50 -1.17 -15.15
CA HIS A 233 -1.49 -0.18 -14.69
C HIS A 233 -1.90 1.26 -15.04
N TRP A 234 -3.12 1.66 -14.73
CA TRP A 234 -3.63 3.04 -14.95
C TRP A 234 -2.80 4.06 -14.15
N PHE A 235 -2.19 3.63 -13.05
CA PHE A 235 -1.41 4.52 -12.14
C PHE A 235 0.09 4.23 -12.23
N SER A 236 0.57 3.57 -13.29
CA SER A 236 2.01 3.56 -13.63
C SER A 236 2.48 5.00 -13.78
N ARG A 237 3.77 5.28 -13.61
CA ARG A 237 4.33 6.63 -13.86
C ARG A 237 4.21 7.02 -15.34
N GLU A 238 4.43 6.09 -16.28
CA GLU A 238 4.31 6.37 -17.74
C GLU A 238 2.89 6.87 -18.01
N ASN A 239 1.88 6.23 -17.44
CA ASN A 239 0.49 6.53 -17.78
C ASN A 239 -0.08 7.74 -17.02
N SER A 240 0.18 7.89 -15.71
CA SER A 240 -0.49 8.87 -14.79
C SER A 240 0.41 10.09 -14.48
N LEU A 241 1.71 10.03 -14.76
CA LEU A 241 2.81 11.04 -14.55
C LEU A 241 3.13 11.27 -13.06
N SER A 242 2.11 11.29 -12.19
CA SER A 242 2.29 11.43 -10.72
C SER A 242 2.47 10.07 -10.05
N GLY A 243 1.87 9.02 -10.61
CA GLY A 243 1.79 7.71 -9.96
C GLY A 243 3.13 6.99 -9.91
N VAL A 244 3.20 5.92 -9.13
CA VAL A 244 4.40 5.05 -8.98
C VAL A 244 3.94 3.57 -8.94
N GLU A 245 2.76 3.26 -9.45
CA GLU A 245 2.22 1.86 -9.37
C GLU A 245 3.16 0.94 -10.16
N GLY A 246 3.59 -0.14 -9.56
CA GLY A 246 4.49 -1.11 -10.23
C GLY A 246 5.95 -0.67 -10.25
N GLU A 247 6.31 0.45 -9.61
CA GLU A 247 7.63 1.06 -9.88
C GLU A 247 8.71 0.30 -9.12
N GLY A 248 8.48 -0.13 -7.88
CA GLY A 248 9.55 -0.82 -7.13
C GLY A 248 10.39 0.13 -6.24
N LEU A 249 10.75 -0.34 -5.05
N LEU A 249 10.71 -0.32 -5.02
CA LEU A 249 11.43 0.47 -4.01
CA LEU A 249 11.46 0.46 -4.00
C LEU A 249 12.81 0.94 -4.50
C LEU A 249 12.76 1.01 -4.61
N HIS A 250 13.44 0.19 -5.42
CA HIS A 250 14.72 0.59 -6.07
C HIS A 250 14.54 1.70 -7.13
N LYS A 251 13.32 2.08 -7.47
CA LYS A 251 13.08 3.18 -8.45
C LYS A 251 12.67 4.46 -7.72
N LEU A 252 12.05 4.34 -6.54
CA LEU A 252 11.34 5.50 -5.94
C LEU A 252 12.32 6.62 -5.62
N GLY A 253 13.54 6.31 -5.18
CA GLY A 253 14.55 7.34 -4.92
C GLY A 253 14.93 8.08 -6.20
N TYR A 254 15.15 7.35 -7.29
CA TYR A 254 15.50 7.99 -8.58
C TYR A 254 14.34 8.89 -9.03
N ILE A 255 13.11 8.46 -8.77
CA ILE A 255 11.91 9.26 -9.13
C ILE A 255 11.91 10.55 -8.29
N LEU A 256 12.13 10.49 -6.98
CA LEU A 256 12.19 11.72 -6.15
C LEU A 256 13.34 12.62 -6.61
N ARG A 257 14.51 12.07 -6.98
CA ARG A 257 15.64 12.93 -7.44
C ARG A 257 15.25 13.60 -8.77
N ASP A 258 14.48 12.95 -9.63
CA ASP A 258 14.04 13.56 -10.93
C ASP A 258 13.06 14.72 -10.67
N VAL A 259 12.13 14.58 -9.72
CA VAL A 259 11.23 15.65 -9.27
C VAL A 259 12.09 16.81 -8.73
N SER A 260 13.13 16.52 -7.95
CA SER A 260 14.01 17.55 -7.34
C SER A 260 14.68 18.42 -8.42
N LYS A 261 14.82 17.93 -9.65
CA LYS A 261 15.57 18.61 -10.74
C LYS A 261 14.72 19.72 -11.38
N LYS A 262 13.42 19.72 -11.14
CA LYS A 262 12.49 20.76 -11.64
C LYS A 262 12.81 22.07 -10.93
N GLU A 263 12.70 23.19 -11.63
CA GLU A 263 12.71 24.51 -10.96
C GLU A 263 11.45 24.58 -10.10
N GLY A 264 11.57 25.09 -8.87
CA GLY A 264 10.39 25.44 -8.07
C GLY A 264 10.76 25.57 -6.61
N GLY A 265 9.80 25.36 -5.72
CA GLY A 265 9.99 25.62 -4.29
C GLY A 265 10.50 24.39 -3.54
N ALA A 266 10.24 24.33 -2.24
CA ALA A 266 10.57 23.17 -1.39
C ALA A 266 9.83 21.94 -1.90
N MET A 267 10.21 20.76 -1.42
CA MET A 267 9.44 19.51 -1.63
C MET A 267 8.51 19.32 -0.43
N TYR A 268 7.20 19.26 -0.67
CA TYR A 268 6.17 19.14 0.40
C TYR A 268 5.76 17.67 0.47
N ALA A 269 5.64 17.15 1.69
CA ALA A 269 5.24 15.75 1.90
C ALA A 269 4.27 15.69 3.05
N ASP A 270 3.12 16.33 2.91
CA ASP A 270 2.16 16.45 4.04
C ASP A 270 1.35 15.16 4.12
N ASP A 271 1.28 14.54 5.29
CA ASP A 271 0.41 13.37 5.56
C ASP A 271 -1.00 13.85 5.89
N THR A 272 -2.03 13.16 5.39
CA THR A 272 -3.44 13.41 5.78
C THR A 272 -3.73 12.65 7.07
N ALA A 273 -4.46 13.26 8.00
CA ALA A 273 -5.02 12.55 9.18
C ALA A 273 -6.18 11.65 8.72
N GLY A 274 -5.97 10.33 8.71
CA GLY A 274 -7.01 9.31 8.45
C GLY A 274 -7.65 9.44 7.07
N TRP A 275 -6.82 9.38 6.02
CA TRP A 275 -7.28 9.63 4.63
C TRP A 275 -8.60 8.90 4.32
N ASP A 276 -8.72 7.61 4.60
CA ASP A 276 -9.91 6.78 4.22
C ASP A 276 -11.19 7.35 4.86
N THR A 277 -11.09 7.95 6.05
CA THR A 277 -12.25 8.50 6.79
C THR A 277 -12.61 9.89 6.28
N ARG A 278 -11.79 10.52 5.42
CA ARG A 278 -12.03 11.90 4.92
C ARG A 278 -12.51 11.87 3.48
N ILE A 279 -12.76 10.68 2.91
CA ILE A 279 -13.30 10.54 1.55
C ILE A 279 -14.79 10.92 1.62
N THR A 280 -15.16 12.00 0.94
CA THR A 280 -16.54 12.56 0.99
C THR A 280 -17.40 11.88 -0.06
N LEU A 281 -18.71 12.06 0.03
CA LEU A 281 -19.63 11.56 -1.03
C LEU A 281 -19.30 12.29 -2.35
N GLU A 282 -18.82 13.52 -2.30
CA GLU A 282 -18.44 14.25 -3.54
C GLU A 282 -17.23 13.58 -4.19
N ASP A 283 -16.29 13.06 -3.37
CA ASP A 283 -15.12 12.30 -3.86
C ASP A 283 -15.58 11.00 -4.55
N LEU A 284 -16.47 10.23 -3.93
CA LEU A 284 -16.99 8.95 -4.50
C LEU A 284 -17.69 9.18 -5.84
N LYS A 285 -18.33 10.34 -6.02
CA LYS A 285 -19.05 10.74 -7.27
C LYS A 285 -18.05 11.13 -8.34
N ASN A 286 -16.96 11.82 -8.00
CA ASN A 286 -15.91 12.12 -9.00
C ASN A 286 -15.19 10.82 -9.41
N GLU A 287 -14.95 9.91 -8.48
CA GLU A 287 -14.33 8.58 -8.79
C GLU A 287 -15.21 7.76 -9.76
N GLU A 288 -16.53 7.76 -9.54
N GLU A 288 -16.53 7.78 -9.53
CA GLU A 288 -17.51 7.01 -10.36
CA GLU A 288 -17.54 7.05 -10.34
C GLU A 288 -17.48 7.47 -11.82
C GLU A 288 -17.50 7.48 -11.81
N MET A 289 -17.03 8.70 -12.10
CA MET A 289 -16.96 9.23 -13.50
C MET A 289 -16.05 8.38 -14.40
N VAL A 290 -15.27 7.44 -13.86
CA VAL A 290 -14.50 6.50 -14.73
C VAL A 290 -15.49 5.71 -15.61
N THR A 291 -16.71 5.44 -15.12
CA THR A 291 -17.80 4.71 -15.84
C THR A 291 -18.25 5.44 -17.11
N ASN A 292 -18.04 6.77 -17.20
CA ASN A 292 -18.35 7.57 -18.41
C ASN A 292 -17.51 7.09 -19.61
N HIS A 293 -16.44 6.36 -19.34
CA HIS A 293 -15.44 5.90 -20.34
C HIS A 293 -15.71 4.42 -20.71
N MET A 294 -16.73 3.81 -20.12
CA MET A 294 -17.06 2.38 -20.30
C MET A 294 -18.23 2.25 -21.27
N GLU A 295 -18.60 1.01 -21.62
CA GLU A 295 -19.76 0.69 -22.51
C GLU A 295 -20.31 -0.67 -22.11
N GLY A 296 -21.56 -0.96 -22.52
CA GLY A 296 -22.19 -2.29 -22.45
C GLY A 296 -22.36 -2.76 -21.02
N GLU A 297 -22.29 -4.09 -20.85
CA GLU A 297 -22.29 -4.82 -19.56
C GLU A 297 -21.35 -4.13 -18.57
N HIS A 298 -20.09 -3.97 -18.95
CA HIS A 298 -19.03 -3.37 -18.09
C HIS A 298 -19.54 -2.08 -17.43
N LYS A 299 -20.06 -1.14 -18.22
CA LYS A 299 -20.54 0.17 -17.69
C LYS A 299 -21.58 -0.06 -16.59
N LYS A 300 -22.43 -1.09 -16.75
CA LYS A 300 -23.56 -1.34 -15.81
C LYS A 300 -23.04 -2.04 -14.56
N LEU A 301 -22.14 -3.01 -14.73
CA LEU A 301 -21.52 -3.74 -13.60
C LEU A 301 -20.68 -2.76 -12.73
N ALA A 302 -19.99 -1.78 -13.33
CA ALA A 302 -19.15 -0.78 -12.64
C ALA A 302 -20.03 0.24 -11.92
N GLU A 303 -21.09 0.73 -12.59
CA GLU A 303 -22.06 1.70 -12.03
C GLU A 303 -22.71 1.13 -10.76
N ALA A 304 -22.94 -0.17 -10.74
CA ALA A 304 -23.56 -0.90 -9.60
C ALA A 304 -22.54 -1.04 -8.47
N ILE A 305 -21.27 -1.32 -8.76
CA ILE A 305 -20.25 -1.39 -7.68
C ILE A 305 -20.24 -0.04 -6.95
N PHE A 306 -20.15 1.08 -7.68
CA PHE A 306 -20.04 2.45 -7.12
C PHE A 306 -21.33 2.78 -6.35
N LYS A 307 -22.51 2.62 -6.98
CA LYS A 307 -23.84 2.96 -6.40
C LYS A 307 -24.15 2.10 -5.17
N LEU A 308 -24.00 0.79 -5.28
CA LEU A 308 -24.63 -0.17 -4.32
C LEU A 308 -23.66 -0.51 -3.20
N THR A 309 -22.34 -0.54 -3.46
CA THR A 309 -21.33 -0.98 -2.47
C THR A 309 -20.45 0.18 -1.97
N TYR A 310 -20.18 1.23 -2.75
CA TYR A 310 -19.22 2.31 -2.34
C TYR A 310 -19.99 3.51 -1.79
N GLN A 311 -21.04 3.96 -2.48
CA GLN A 311 -21.84 5.16 -2.13
C GLN A 311 -22.99 4.79 -1.19
N ASN A 312 -23.16 3.49 -0.94
CA ASN A 312 -24.07 2.93 0.10
C ASN A 312 -23.36 1.69 0.62
N LYS A 313 -23.24 1.54 1.94
CA LYS A 313 -22.45 0.46 2.56
C LYS A 313 -23.25 -0.18 3.70
N VAL A 314 -23.09 -1.49 3.85
CA VAL A 314 -23.66 -2.29 4.95
C VAL A 314 -22.46 -2.98 5.59
N VAL A 315 -22.29 -2.86 6.90
CA VAL A 315 -21.06 -3.31 7.60
C VAL A 315 -21.46 -4.11 8.83
N ARG A 316 -20.70 -5.15 9.17
CA ARG A 316 -20.92 -5.92 10.41
C ARG A 316 -19.66 -5.82 11.30
N VAL A 317 -19.83 -5.43 12.56
CA VAL A 317 -18.75 -5.07 13.51
C VAL A 317 -18.96 -5.84 14.81
N GLN A 318 -17.88 -6.43 15.36
CA GLN A 318 -17.89 -7.17 16.66
C GLN A 318 -17.78 -6.16 17.81
N ARG A 319 -18.74 -6.20 18.74
CA ARG A 319 -18.77 -5.37 19.99
C ARG A 319 -18.75 -6.30 21.19
N PRO A 320 -17.82 -6.11 22.17
CA PRO A 320 -17.73 -7.01 23.34
C PRO A 320 -18.95 -7.00 24.29
N THR A 321 -19.73 -5.91 24.26
CA THR A 321 -20.94 -5.69 25.11
C THR A 321 -21.94 -6.83 24.90
N THR A 325 -20.35 -10.51 23.47
CA THR A 325 -19.92 -10.33 22.05
C THR A 325 -21.16 -10.45 21.15
N VAL A 326 -21.64 -9.33 20.59
CA VAL A 326 -22.72 -9.28 19.57
C VAL A 326 -22.11 -8.91 18.21
N MET A 327 -22.94 -8.85 17.17
CA MET A 327 -22.60 -8.31 15.81
C MET A 327 -23.59 -7.20 15.48
N ASP A 328 -23.07 -6.00 15.21
CA ASP A 328 -23.84 -4.79 14.82
C ASP A 328 -23.86 -4.67 13.29
N ILE A 329 -25.04 -4.35 12.74
CA ILE A 329 -25.28 -4.11 11.29
C ILE A 329 -25.49 -2.61 11.14
N ILE A 330 -24.49 -1.93 10.60
CA ILE A 330 -24.45 -0.45 10.48
C ILE A 330 -24.28 -0.08 9.00
N SER A 331 -24.69 1.12 8.62
CA SER A 331 -24.64 1.62 7.23
C SER A 331 -24.12 3.06 7.20
N ARG A 332 -23.44 3.46 6.11
CA ARG A 332 -23.15 4.88 5.81
C ARG A 332 -22.84 5.05 4.33
N ARG A 333 -22.89 6.29 3.86
CA ARG A 333 -22.84 6.65 2.43
C ARG A 333 -21.38 6.95 2.02
N ASP A 334 -20.61 7.60 2.89
CA ASP A 334 -19.27 8.15 2.56
C ASP A 334 -18.17 7.33 3.24
N GLN A 335 -16.94 7.81 3.18
CA GLN A 335 -15.70 7.12 3.59
C GLN A 335 -15.34 6.07 2.54
N ARG A 336 -14.06 5.69 2.54
CA ARG A 336 -13.49 4.59 1.74
C ARG A 336 -13.69 3.29 2.50
N GLY A 337 -14.17 2.30 1.76
CA GLY A 337 -14.43 0.92 2.18
C GLY A 337 -14.63 0.12 0.91
N SER A 338 -13.52 -0.32 0.34
CA SER A 338 -13.43 -1.10 -0.91
C SER A 338 -12.39 -2.18 -0.65
N GLY A 339 -12.17 -3.10 -1.58
CA GLY A 339 -10.97 -3.94 -1.58
C GLY A 339 -9.74 -3.06 -1.56
N GLN A 340 -8.65 -3.55 -0.95
CA GLN A 340 -7.40 -2.77 -0.73
C GLN A 340 -6.79 -2.38 -2.07
N VAL A 341 -6.92 -3.20 -3.13
CA VAL A 341 -6.24 -2.88 -4.43
C VAL A 341 -7.02 -1.76 -5.14
N VAL A 342 -8.36 -1.85 -5.19
CA VAL A 342 -9.20 -0.75 -5.75
C VAL A 342 -9.03 0.49 -4.87
N THR A 343 -9.05 0.34 -3.54
CA THR A 343 -8.75 1.45 -2.61
C THR A 343 -7.45 2.17 -3.01
N TYR A 344 -6.39 1.43 -3.34
CA TYR A 344 -5.09 2.05 -3.66
C TYR A 344 -5.25 2.96 -4.88
N GLY A 345 -5.89 2.47 -5.95
CA GLY A 345 -6.01 3.22 -7.23
C GLY A 345 -6.91 4.44 -7.06
N LEU A 346 -8.02 4.32 -6.34
CA LEU A 346 -8.95 5.45 -6.18
C LEU A 346 -8.36 6.49 -5.23
N ASN A 347 -7.67 6.05 -4.16
CA ASN A 347 -6.88 6.95 -3.27
C ASN A 347 -5.87 7.71 -4.12
N THR A 348 -5.11 7.03 -4.99
CA THR A 348 -4.13 7.70 -5.87
C THR A 348 -4.84 8.74 -6.74
N PHE A 349 -5.99 8.39 -7.33
CA PHE A 349 -6.74 9.29 -8.23
C PHE A 349 -7.14 10.57 -7.47
N THR A 350 -7.76 10.42 -6.30
CA THR A 350 -8.38 11.53 -5.55
C THR A 350 -7.26 12.37 -4.94
N ASN A 351 -6.14 11.75 -4.56
CA ASN A 351 -4.95 12.46 -4.06
C ASN A 351 -4.34 13.27 -5.21
N MET A 352 -4.27 12.72 -6.42
CA MET A 352 -3.68 13.48 -7.55
C MET A 352 -4.56 14.72 -7.80
N GLU A 353 -5.88 14.52 -7.73
CA GLU A 353 -6.89 15.60 -7.96
C GLU A 353 -6.68 16.71 -6.91
N ALA A 354 -6.71 16.33 -5.63
CA ALA A 354 -6.56 17.24 -4.47
C ALA A 354 -5.27 18.04 -4.60
N GLN A 355 -4.15 17.40 -4.97
CA GLN A 355 -2.86 18.10 -5.04
C GLN A 355 -2.78 19.02 -6.26
N LEU A 356 -3.41 18.70 -7.39
CA LEU A 356 -3.46 19.66 -8.54
C LEU A 356 -4.23 20.92 -8.09
N ILE A 357 -5.30 20.74 -7.32
CA ILE A 357 -6.15 21.87 -6.86
C ILE A 357 -5.33 22.72 -5.88
N ARG A 358 -4.58 22.09 -4.96
CA ARG A 358 -3.73 22.85 -4.04
C ARG A 358 -2.69 23.62 -4.85
N GLN A 359 -2.06 23.00 -5.85
CA GLN A 359 -1.18 23.71 -6.80
C GLN A 359 -1.95 24.88 -7.47
N MET A 360 -3.19 24.68 -7.93
CA MET A 360 -3.95 25.79 -8.57
C MET A 360 -4.09 26.95 -7.56
N GLU A 361 -4.43 26.65 -6.31
CA GLU A 361 -4.60 27.68 -5.27
C GLU A 361 -3.30 28.46 -5.07
N GLY A 362 -2.16 27.79 -4.96
CA GLY A 362 -0.87 28.45 -4.78
C GLY A 362 -0.59 29.41 -5.95
N GLU A 363 -0.98 29.02 -7.17
CA GLU A 363 -0.64 29.77 -8.40
C GLU A 363 -1.67 30.88 -8.65
N GLY A 364 -2.68 31.02 -7.81
CA GLY A 364 -3.69 32.09 -7.96
C GLY A 364 -4.67 31.82 -9.10
N VAL A 365 -4.91 30.57 -9.49
CA VAL A 365 -5.78 30.27 -10.68
C VAL A 365 -7.23 30.64 -10.33
N PHE A 366 -7.60 30.51 -9.06
CA PHE A 366 -8.92 30.86 -8.50
C PHE A 366 -8.69 31.65 -7.20
N LYS A 367 -9.67 32.45 -6.77
CA LYS A 367 -9.49 33.45 -5.67
C LYS A 367 -10.15 32.94 -4.39
N SER A 368 -11.27 32.22 -4.50
CA SER A 368 -12.08 31.76 -3.35
C SER A 368 -12.83 30.46 -3.68
N ILE A 369 -12.96 29.61 -2.68
CA ILE A 369 -13.61 28.26 -2.76
C ILE A 369 -15.13 28.43 -2.59
N GLN A 370 -15.57 29.63 -2.20
CA GLN A 370 -17.01 29.89 -1.92
C GLN A 370 -17.77 29.69 -3.23
N HIS A 371 -17.20 30.18 -4.33
CA HIS A 371 -17.86 30.25 -5.65
C HIS A 371 -16.80 30.49 -6.73
N LEU A 372 -16.86 29.68 -7.78
CA LEU A 372 -16.07 29.83 -9.02
C LEU A 372 -16.93 30.62 -10.01
N THR A 373 -16.41 31.73 -10.50
CA THR A 373 -17.06 32.58 -11.51
C THR A 373 -16.94 31.85 -12.85
N VAL A 374 -17.73 32.26 -13.84
CA VAL A 374 -17.76 31.59 -15.17
C VAL A 374 -16.36 31.63 -15.78
N THR A 375 -15.65 32.74 -15.60
CA THR A 375 -14.32 33.00 -16.22
C THR A 375 -13.22 32.28 -15.43
N GLU A 376 -13.43 31.97 -14.15
CA GLU A 376 -12.46 31.15 -13.36
C GLU A 376 -12.55 29.70 -13.87
N GLU A 377 -13.76 29.22 -14.16
CA GLU A 377 -13.98 27.84 -14.69
C GLU A 377 -13.12 27.64 -15.95
N ILE A 378 -13.18 28.58 -16.88
CA ILE A 378 -12.41 28.55 -18.17
C ILE A 378 -10.92 28.66 -17.85
N ALA A 379 -10.55 29.49 -16.87
CA ALA A 379 -9.15 29.67 -16.41
C ALA A 379 -8.60 28.33 -15.86
N VAL A 380 -9.38 27.66 -15.01
CA VAL A 380 -9.06 26.34 -14.40
C VAL A 380 -8.93 25.30 -15.52
N LYS A 381 -9.95 25.18 -16.40
CA LYS A 381 -9.88 24.25 -17.56
C LYS A 381 -8.61 24.55 -18.38
N ASN A 382 -8.32 25.84 -18.57
CA ASN A 382 -7.23 26.29 -19.47
C ASN A 382 -5.86 25.98 -18.86
N TRP A 383 -5.71 26.18 -17.56
CA TRP A 383 -4.52 25.75 -16.77
C TRP A 383 -4.27 24.25 -16.99
N LEU A 384 -5.30 23.43 -16.78
CA LEU A 384 -5.20 21.94 -16.92
C LEU A 384 -4.67 21.56 -18.32
N VAL A 385 -5.29 22.08 -19.39
CA VAL A 385 -4.92 21.80 -20.80
C VAL A 385 -3.51 22.31 -21.04
N ARG A 386 -3.17 23.50 -20.55
CA ARG A 386 -1.87 24.17 -20.83
C ARG A 386 -0.74 23.53 -20.00
N VAL A 387 -0.90 23.33 -18.69
CA VAL A 387 0.25 22.92 -17.82
C VAL A 387 -0.07 21.69 -16.94
N GLY A 388 -1.29 21.15 -16.96
CA GLY A 388 -1.75 20.02 -16.12
C GLY A 388 -0.74 18.87 -16.12
N ARG A 389 -0.30 18.42 -17.30
CA ARG A 389 0.65 17.28 -17.41
C ARG A 389 2.00 17.66 -16.77
N GLU A 390 2.48 18.90 -16.92
CA GLU A 390 3.76 19.34 -16.28
C GLU A 390 3.58 19.30 -14.75
N ARG A 391 2.40 19.71 -14.27
CA ARG A 391 2.14 19.82 -12.82
C ARG A 391 2.01 18.41 -12.21
N LEU A 392 1.48 17.44 -12.96
CA LEU A 392 1.40 16.03 -12.48
C LEU A 392 2.82 15.48 -12.32
N SER A 393 3.72 15.85 -13.22
CA SER A 393 5.11 15.34 -13.23
C SER A 393 5.89 15.93 -12.06
N ARG A 394 5.36 16.94 -11.36
CA ARG A 394 6.01 17.58 -10.17
C ARG A 394 5.66 16.77 -8.91
N MET A 395 4.92 15.67 -9.06
CA MET A 395 4.41 14.89 -7.91
C MET A 395 4.81 13.40 -7.97
N ALA A 396 4.97 12.79 -6.81
CA ALA A 396 5.02 11.33 -6.62
C ALA A 396 3.93 10.96 -5.62
N ILE A 397 2.95 10.18 -6.07
CA ILE A 397 1.72 9.87 -5.32
C ILE A 397 1.50 8.35 -5.32
N SER A 398 1.42 7.83 -4.11
CA SER A 398 1.20 6.40 -3.78
C SER A 398 0.00 6.32 -2.85
N GLY A 399 -1.20 6.20 -3.41
CA GLY A 399 -2.41 6.28 -2.58
C GLY A 399 -2.48 7.59 -1.79
N ASP A 400 -2.58 7.51 -0.46
CA ASP A 400 -2.72 8.72 0.40
C ASP A 400 -1.37 9.40 0.60
N ASP A 401 -0.28 8.84 0.08
CA ASP A 401 1.09 9.35 0.31
C ASP A 401 1.50 10.25 -0.85
N CYS A 402 1.89 11.51 -0.62
CA CYS A 402 2.38 12.37 -1.72
C CYS A 402 3.68 13.09 -1.39
N VAL A 403 4.40 13.44 -2.45
CA VAL A 403 5.51 14.42 -2.48
C VAL A 403 5.19 15.34 -3.65
N VAL A 404 5.24 16.64 -3.42
CA VAL A 404 4.91 17.68 -4.42
C VAL A 404 6.03 18.71 -4.45
N LYS A 405 6.62 18.96 -5.62
CA LYS A 405 7.53 20.12 -5.82
C LYS A 405 6.79 21.19 -6.63
N PRO A 406 6.08 22.12 -5.95
CA PRO A 406 5.29 23.13 -6.64
C PRO A 406 6.18 24.16 -7.36
N LEU A 407 5.53 24.97 -8.18
CA LEU A 407 6.18 26.05 -8.96
C LEU A 407 6.93 27.01 -8.01
N ASP A 408 6.43 27.24 -6.80
CA ASP A 408 7.07 28.15 -5.79
C ASP A 408 6.46 27.86 -4.42
N ASP A 409 6.86 28.58 -3.39
CA ASP A 409 6.45 28.26 -1.99
C ASP A 409 5.10 28.89 -1.62
N ARG A 410 4.37 29.52 -2.54
CA ARG A 410 2.98 29.99 -2.21
C ARG A 410 2.12 28.78 -1.82
N PHE A 411 2.41 27.60 -2.39
CA PHE A 411 1.81 26.28 -2.08
C PHE A 411 1.72 26.03 -0.58
N ALA A 412 2.76 26.37 0.21
CA ALA A 412 2.86 26.10 1.67
C ALA A 412 1.64 26.64 2.44
N SER A 413 1.13 27.82 2.07
CA SER A 413 0.03 28.52 2.78
C SER A 413 -1.24 28.46 1.94
N ALA A 414 -1.30 27.66 0.88
CA ALA A 414 -2.52 27.50 0.05
C ALA A 414 -3.34 26.35 0.65
N LEU A 415 -4.19 26.62 1.64
CA LEU A 415 -4.80 25.59 2.51
C LEU A 415 -6.33 25.58 2.41
N THR A 416 -6.95 26.53 1.73
CA THR A 416 -8.44 26.65 1.84
C THR A 416 -9.10 25.46 1.13
N ALA A 417 -8.74 25.15 -0.13
CA ALA A 417 -9.33 23.99 -0.85
C ALA A 417 -9.00 22.69 -0.12
N LEU A 418 -7.73 22.51 0.30
CA LEU A 418 -7.27 21.25 0.94
C LEU A 418 -8.13 20.99 2.17
N ASN A 419 -8.34 22.01 3.02
CA ASN A 419 -9.09 21.87 4.28
C ASN A 419 -10.57 21.67 3.94
N ASP A 420 -11.10 22.40 2.96
CA ASP A 420 -12.56 22.31 2.62
C ASP A 420 -12.89 20.97 1.95
N MET A 421 -11.94 20.34 1.23
CA MET A 421 -12.14 18.99 0.63
C MET A 421 -12.13 17.93 1.73
N GLY A 422 -11.71 18.29 2.96
CA GLY A 422 -11.64 17.41 4.14
C GLY A 422 -10.28 16.75 4.32
N LYS A 423 -9.30 17.05 3.47
CA LYS A 423 -7.94 16.42 3.51
C LYS A 423 -7.03 17.18 4.49
N VAL A 424 -7.45 17.20 5.75
CA VAL A 424 -6.79 17.94 6.88
C VAL A 424 -5.45 17.27 7.15
N ARG A 425 -4.39 18.08 7.21
CA ARG A 425 -3.00 17.62 7.46
C ARG A 425 -2.87 17.12 8.89
N LYS A 426 -2.08 16.06 9.06
CA LYS A 426 -1.70 15.40 10.34
C LYS A 426 -0.64 16.26 11.07
N ASP A 427 -0.74 16.44 12.39
CA ASP A 427 0.38 16.92 13.26
C ASP A 427 0.81 18.35 12.91
N ILE A 428 -0.16 19.24 12.67
CA ILE A 428 0.01 20.68 12.35
C ILE A 428 -1.37 21.33 12.48
N GLN A 429 -1.46 22.57 12.93
CA GLN A 429 -2.74 23.30 13.12
C GLN A 429 -3.27 23.68 11.75
N GLN A 430 -4.59 23.78 11.64
CA GLN A 430 -5.33 23.84 10.37
C GLN A 430 -4.76 24.90 9.44
N TRP A 431 -4.33 26.06 9.95
CA TRP A 431 -4.02 27.23 9.09
C TRP A 431 -2.52 27.58 9.15
N GLU A 432 -1.73 26.76 9.84
CA GLU A 432 -0.24 26.88 9.92
C GLU A 432 0.32 26.40 8.59
N PRO A 433 1.20 27.20 7.96
CA PRO A 433 1.76 26.82 6.66
C PRO A 433 2.58 25.54 6.72
N SER A 434 2.50 24.70 5.68
CA SER A 434 3.34 23.48 5.53
C SER A 434 4.82 23.85 5.65
N ARG A 435 5.62 23.05 6.34
CA ARG A 435 7.10 23.10 6.23
C ARG A 435 7.54 22.11 5.13
N GLY A 436 8.31 22.58 4.16
CA GLY A 436 8.83 21.78 3.05
C GLY A 436 10.23 21.28 3.36
N TRP A 437 10.75 20.41 2.49
CA TRP A 437 12.10 19.82 2.62
C TRP A 437 12.96 20.50 1.56
N ASN A 438 14.17 20.90 1.94
CA ASN A 438 15.12 21.55 1.00
C ASN A 438 15.97 20.51 0.28
N ASP A 439 15.96 19.24 0.69
CA ASP A 439 16.87 18.23 0.07
C ASP A 439 16.08 16.94 -0.13
N TRP A 440 16.02 16.47 -1.37
CA TRP A 440 15.26 15.26 -1.76
C TRP A 440 15.67 14.05 -0.90
N THR A 441 16.91 14.03 -0.40
CA THR A 441 17.44 12.91 0.42
C THR A 441 16.85 12.93 1.82
N GLN A 442 16.09 13.97 2.20
CA GLN A 442 15.47 14.09 3.53
C GLN A 442 13.97 13.81 3.45
N VAL A 443 13.39 13.81 2.27
CA VAL A 443 11.91 13.72 2.06
C VAL A 443 11.43 12.33 2.44
N PRO A 444 10.38 12.18 3.29
CA PRO A 444 9.81 10.86 3.51
C PRO A 444 8.84 10.46 2.38
N PHE A 445 8.85 9.19 1.98
CA PHE A 445 7.88 8.68 0.97
C PHE A 445 7.79 7.16 1.10
N CYS A 446 6.58 6.60 1.20
CA CYS A 446 6.35 5.11 1.27
C CYS A 446 7.17 4.50 2.42
N SER A 447 7.22 5.20 3.56
CA SER A 447 7.86 4.78 4.84
C SER A 447 9.39 4.78 4.72
N HIS A 448 9.97 5.39 3.68
CA HIS A 448 11.45 5.40 3.47
C HIS A 448 11.97 6.83 3.34
N HIS A 449 13.30 6.94 3.37
CA HIS A 449 14.09 8.05 2.80
C HIS A 449 15.11 7.42 1.87
N PHE A 450 15.83 8.24 1.11
CA PHE A 450 16.68 7.76 0.01
C PHE A 450 18.05 8.42 0.09
N HIS A 451 19.09 7.61 -0.08
CA HIS A 451 20.50 8.05 -0.04
C HIS A 451 21.10 8.03 -1.45
N GLU A 452 21.98 8.98 -1.75
CA GLU A 452 22.86 8.94 -2.96
C GLU A 452 24.17 8.24 -2.58
N LEU A 453 24.52 7.14 -3.21
CA LEU A 453 25.64 6.28 -2.76
C LEU A 453 26.59 6.08 -3.95
N ILE A 454 27.84 6.50 -3.81
CA ILE A 454 28.78 6.49 -4.97
C ILE A 454 29.64 5.23 -4.88
N MET A 455 29.59 4.41 -5.93
CA MET A 455 30.36 3.15 -6.03
C MET A 455 31.84 3.51 -6.23
N LYS A 456 32.74 2.63 -5.78
N LYS A 456 32.75 2.64 -5.79
CA LYS A 456 34.21 2.80 -5.91
CA LYS A 456 34.21 2.84 -5.91
C LYS A 456 34.57 3.14 -7.36
C LYS A 456 34.56 3.16 -7.38
N ASP A 457 33.78 2.63 -8.33
CA ASP A 457 34.02 2.87 -9.78
C ASP A 457 33.35 4.14 -10.31
N GLY A 458 32.83 5.03 -9.44
CA GLY A 458 32.25 6.32 -9.87
C GLY A 458 30.74 6.30 -10.14
N ARG A 459 30.10 5.15 -10.37
CA ARG A 459 28.68 5.13 -10.78
C ARG A 459 27.79 5.43 -9.55
N VAL A 460 26.57 5.91 -9.78
CA VAL A 460 25.70 6.45 -8.70
C VAL A 460 24.48 5.57 -8.48
N LEU A 461 24.31 5.10 -7.23
CA LEU A 461 23.11 4.37 -6.78
C LEU A 461 22.23 5.32 -5.95
N VAL A 462 20.94 5.34 -6.19
CA VAL A 462 19.99 5.99 -5.25
C VAL A 462 19.25 4.86 -4.56
N VAL A 463 19.47 4.72 -3.26
CA VAL A 463 19.04 3.52 -2.50
C VAL A 463 17.97 3.85 -1.46
N PRO A 464 17.03 2.91 -1.22
CA PRO A 464 15.99 3.08 -0.20
C PRO A 464 16.51 2.77 1.22
N CYS A 465 15.96 3.45 2.22
CA CYS A 465 16.49 3.31 3.62
C CYS A 465 15.37 3.60 4.62
N ARG A 466 15.40 2.94 5.77
CA ARG A 466 14.62 3.43 6.91
C ARG A 466 15.29 2.96 8.20
N ASN A 467 14.83 3.46 9.32
CA ASN A 467 15.48 3.14 10.62
C ASN A 467 15.63 1.60 10.73
N GLN A 468 16.81 1.10 11.07
CA GLN A 468 17.11 -0.35 10.95
C GLN A 468 16.31 -1.16 11.99
N ASP A 469 15.93 -0.53 13.11
CA ASP A 469 15.11 -1.23 14.12
C ASP A 469 13.78 -1.66 13.50
N GLU A 470 13.19 -0.83 12.63
CA GLU A 470 11.90 -1.13 11.97
C GLU A 470 12.09 -2.35 11.05
N LEU A 471 13.20 -2.39 10.30
CA LEU A 471 13.47 -3.49 9.34
C LEU A 471 13.67 -4.80 10.11
N ILE A 472 14.47 -4.77 11.17
CA ILE A 472 14.75 -6.03 11.93
C ILE A 472 13.51 -6.47 12.70
N GLY A 473 12.77 -5.52 13.27
CA GLY A 473 11.54 -5.80 14.02
C GLY A 473 10.46 -6.44 13.16
N ARG A 474 10.33 -6.00 11.91
CA ARG A 474 9.32 -6.56 10.96
C ARG A 474 9.71 -7.99 10.53
N ALA A 475 10.99 -8.24 10.23
CA ALA A 475 11.49 -9.55 9.72
C ALA A 475 11.38 -10.61 10.83
N ARG A 476 11.30 -10.18 12.10
CA ARG A 476 11.15 -11.11 13.26
C ARG A 476 9.69 -11.51 13.50
N ILE A 477 8.75 -11.02 12.67
CA ILE A 477 7.31 -11.29 12.88
C ILE A 477 6.74 -12.12 11.72
N SER A 478 5.84 -13.04 12.06
N SER A 478 5.84 -13.05 12.04
CA SER A 478 4.97 -13.79 11.11
CA SER A 478 4.98 -13.76 11.06
C SER A 478 3.50 -13.56 11.49
C SER A 478 3.51 -13.67 11.51
N GLN A 479 2.58 -13.83 10.56
CA GLN A 479 1.12 -13.76 10.82
C GLN A 479 0.58 -15.16 10.54
N GLY A 480 -0.42 -15.60 11.31
CA GLY A 480 -1.16 -16.86 11.04
C GLY A 480 -0.59 -18.06 11.78
N ALA A 481 -1.33 -19.17 11.69
CA ALA A 481 -1.11 -20.42 12.44
C ALA A 481 -0.53 -21.48 11.51
N GLY A 482 -0.03 -22.57 12.11
CA GLY A 482 0.32 -23.84 11.44
C GLY A 482 1.59 -23.70 10.64
N TRP A 483 2.50 -22.78 10.99
CA TRP A 483 3.80 -22.65 10.28
C TRP A 483 4.68 -23.84 10.65
N SER A 484 5.06 -24.66 9.68
CA SER A 484 6.16 -25.64 9.83
C SER A 484 7.49 -24.90 10.06
N LEU A 485 8.55 -25.60 10.49
CA LEU A 485 9.90 -25.00 10.56
C LEU A 485 10.39 -24.63 9.15
N ARG A 486 10.10 -25.46 8.15
CA ARG A 486 10.51 -25.19 6.77
C ARG A 486 9.83 -23.91 6.30
N GLU A 487 8.52 -23.74 6.52
CA GLU A 487 7.80 -22.53 6.03
C GLU A 487 8.36 -21.30 6.76
N THR A 488 8.66 -21.41 8.07
CA THR A 488 9.24 -20.28 8.85
C THR A 488 10.62 -19.91 8.26
N ALA A 489 11.45 -20.92 7.95
CA ALA A 489 12.79 -20.72 7.36
C ALA A 489 12.66 -20.01 6.00
N CYS A 490 11.69 -20.40 5.16
CA CYS A 490 11.53 -19.83 3.80
C CYS A 490 11.00 -18.38 3.91
N LEU A 491 10.21 -18.06 4.93
CA LEU A 491 9.83 -16.63 5.17
C LEU A 491 11.05 -15.82 5.65
N GLY A 492 11.91 -16.38 6.50
CA GLY A 492 13.15 -15.69 6.86
C GLY A 492 14.01 -15.40 5.64
N LYS A 493 14.10 -16.38 4.75
CA LYS A 493 14.87 -16.30 3.49
C LYS A 493 14.32 -15.18 2.61
N SER A 494 13.01 -14.98 2.55
CA SER A 494 12.39 -13.87 1.77
C SER A 494 12.89 -12.53 2.34
N TYR A 495 12.89 -12.35 3.66
CA TYR A 495 13.37 -11.08 4.28
C TYR A 495 14.86 -10.89 3.95
N ALA A 496 15.64 -11.95 4.08
CA ALA A 496 17.10 -11.89 3.85
C ALA A 496 17.37 -11.41 2.41
N GLN A 497 16.71 -12.03 1.44
CA GLN A 497 16.94 -11.68 0.01
C GLN A 497 16.44 -10.24 -0.27
N MET A 498 15.35 -9.79 0.35
CA MET A 498 14.91 -8.38 0.24
C MET A 498 16.04 -7.50 0.77
N TRP A 499 16.62 -7.83 1.91
CA TRP A 499 17.71 -7.02 2.49
C TRP A 499 18.93 -6.95 1.52
N SER A 500 19.31 -8.07 0.91
N SER A 500 19.32 -8.07 0.88
CA SER A 500 20.47 -8.19 -0.02
CA SER A 500 20.49 -8.16 -0.01
C SER A 500 20.25 -7.35 -1.30
C SER A 500 20.27 -7.43 -1.36
N LEU A 501 18.96 -7.19 -1.68
CA LEU A 501 18.63 -6.40 -2.89
C LEU A 501 18.39 -4.90 -2.62
N MET A 502 17.70 -4.55 -1.54
CA MET A 502 17.23 -3.18 -1.26
C MET A 502 18.13 -2.49 -0.20
N TYR A 503 18.66 -3.22 0.78
CA TYR A 503 19.31 -2.63 1.97
C TYR A 503 20.76 -3.13 2.14
N PHE A 504 21.41 -3.57 1.04
CA PHE A 504 22.79 -4.10 0.96
C PHE A 504 23.80 -3.10 1.56
N HIS A 505 23.40 -1.83 1.56
CA HIS A 505 24.22 -0.67 1.99
C HIS A 505 24.25 -0.50 3.52
N ARG A 506 23.46 -1.29 4.25
CA ARG A 506 23.42 -1.26 5.74
C ARG A 506 24.28 -2.43 6.20
N ARG A 507 25.39 -2.16 6.87
CA ARG A 507 26.38 -3.19 7.27
C ARG A 507 25.68 -4.33 7.99
N ASP A 508 24.80 -4.08 8.96
CA ASP A 508 24.21 -5.15 9.80
C ASP A 508 23.26 -6.01 8.95
N LEU A 509 22.55 -5.41 7.98
CA LEU A 509 21.54 -6.18 7.20
C LEU A 509 22.27 -7.01 6.15
N ARG A 510 23.36 -6.55 5.56
CA ARG A 510 24.04 -7.42 4.57
C ARG A 510 24.60 -8.65 5.30
N LEU A 511 25.14 -8.44 6.51
CA LEU A 511 25.72 -9.55 7.31
C LEU A 511 24.60 -10.50 7.75
N ALA A 512 23.50 -9.99 8.29
CA ALA A 512 22.36 -10.82 8.76
C ALA A 512 21.71 -11.57 7.58
N ALA A 513 21.62 -10.94 6.39
CA ALA A 513 21.05 -11.56 5.17
C ALA A 513 21.94 -12.74 4.75
N ASN A 514 23.24 -12.51 4.72
CA ASN A 514 24.22 -13.59 4.40
C ASN A 514 24.07 -14.73 5.42
N ALA A 515 23.95 -14.42 6.71
CA ALA A 515 23.81 -15.46 7.75
C ALA A 515 22.52 -16.27 7.53
N ILE A 516 21.38 -15.62 7.31
CA ILE A 516 20.09 -16.33 7.14
C ILE A 516 20.18 -17.22 5.89
N CYS A 517 20.68 -16.69 4.77
CA CYS A 517 20.79 -17.47 3.50
C CYS A 517 21.78 -18.64 3.69
N SER A 518 22.70 -18.52 4.63
CA SER A 518 23.67 -19.60 4.95
C SER A 518 22.98 -20.66 5.82
N ALA A 519 21.97 -20.25 6.59
CA ALA A 519 21.34 -21.10 7.64
C ALA A 519 20.16 -21.85 7.07
N VAL A 520 19.60 -21.40 5.95
CA VAL A 520 18.42 -22.04 5.31
C VAL A 520 18.93 -22.87 4.13
N PRO A 521 18.43 -24.11 3.89
CA PRO A 521 18.90 -24.90 2.77
C PRO A 521 18.86 -24.11 1.46
N SER A 522 19.93 -24.20 0.66
N SER A 522 19.95 -24.23 0.69
CA SER A 522 20.16 -23.34 -0.52
CA SER A 522 20.24 -23.47 -0.56
C SER A 522 19.02 -23.45 -1.54
C SER A 522 19.04 -23.47 -1.51
N HIS A 523 18.42 -24.64 -1.73
CA HIS A 523 17.36 -24.84 -2.76
C HIS A 523 15.95 -24.56 -2.23
N TRP A 524 15.77 -24.32 -0.92
CA TRP A 524 14.41 -24.02 -0.40
C TRP A 524 13.96 -22.65 -0.91
N VAL A 525 12.70 -22.57 -1.32
CA VAL A 525 12.12 -21.45 -2.09
C VAL A 525 11.56 -20.41 -1.12
N PRO A 526 11.97 -19.15 -1.22
CA PRO A 526 11.38 -18.10 -0.39
C PRO A 526 9.86 -18.01 -0.52
N THR A 527 9.15 -17.86 0.60
CA THR A 527 7.66 -17.70 0.63
C THR A 527 7.25 -16.49 1.44
N SER A 528 6.00 -16.08 1.21
CA SER A 528 5.20 -15.11 1.99
C SER A 528 3.76 -15.63 1.97
N ARG A 529 2.91 -15.25 2.95
CA ARG A 529 1.46 -15.58 2.93
C ARG A 529 0.64 -14.40 2.36
N THR A 530 1.10 -13.15 2.56
CA THR A 530 0.58 -11.93 1.86
C THR A 530 1.67 -11.40 0.91
N THR A 531 1.33 -11.16 -0.35
CA THR A 531 2.25 -10.76 -1.45
C THR A 531 1.95 -9.33 -1.87
N ALA A 536 4.26 -2.91 -5.34
CA ALA A 536 5.71 -2.98 -5.64
C ALA A 536 6.06 -4.30 -6.32
N THR A 537 7.14 -4.31 -7.11
CA THR A 537 7.75 -5.51 -7.74
C THR A 537 8.59 -6.20 -6.66
N HIS A 538 8.55 -7.53 -6.58
N HIS A 538 8.56 -7.54 -6.62
CA HIS A 538 9.22 -8.34 -5.51
CA HIS A 538 9.18 -8.39 -5.57
C HIS A 538 10.32 -9.21 -6.14
C HIS A 538 10.32 -9.22 -6.16
N GLU A 539 11.39 -8.58 -6.61
CA GLU A 539 12.50 -9.27 -7.34
C GLU A 539 13.30 -10.20 -6.42
N TRP A 540 13.19 -10.07 -5.09
CA TRP A 540 13.90 -10.99 -4.15
C TRP A 540 13.17 -12.34 -4.02
N MET A 541 11.97 -12.49 -4.61
CA MET A 541 11.21 -13.74 -4.46
C MET A 541 11.64 -14.68 -5.60
N THR A 542 12.72 -15.43 -5.41
CA THR A 542 13.42 -16.20 -6.47
C THR A 542 14.48 -17.10 -5.83
N THR A 543 14.89 -18.18 -6.50
CA THR A 543 16.03 -19.03 -6.11
C THR A 543 17.26 -18.70 -6.97
N GLU A 544 17.15 -17.76 -7.90
CA GLU A 544 18.32 -17.25 -8.67
C GLU A 544 19.34 -16.65 -7.70
N ASP A 545 20.61 -16.68 -8.08
CA ASP A 545 21.73 -16.15 -7.28
C ASP A 545 21.53 -14.64 -7.04
N MET A 546 21.69 -14.15 -5.80
CA MET A 546 21.30 -12.74 -5.47
C MET A 546 22.26 -11.73 -6.14
N LEU A 547 23.52 -12.10 -6.42
CA LEU A 547 24.42 -11.18 -7.16
C LEU A 547 23.88 -10.99 -8.58
N THR A 548 23.38 -12.05 -9.22
CA THR A 548 22.83 -11.98 -10.59
C THR A 548 21.60 -11.07 -10.58
N VAL A 549 20.71 -11.24 -9.60
CA VAL A 549 19.50 -10.39 -9.46
C VAL A 549 19.93 -8.94 -9.17
N TRP A 550 20.93 -8.73 -8.32
CA TRP A 550 21.39 -7.35 -8.00
C TRP A 550 21.85 -6.67 -9.30
N ASN A 551 22.62 -7.39 -10.12
CA ASN A 551 23.14 -6.84 -11.40
C ASN A 551 21.96 -6.50 -12.31
N ARG A 552 20.95 -7.36 -12.39
CA ARG A 552 19.81 -7.10 -13.31
C ARG A 552 19.10 -5.81 -12.84
N VAL A 553 18.83 -5.69 -11.55
CA VAL A 553 17.97 -4.61 -10.96
C VAL A 553 18.75 -3.29 -10.96
N TRP A 554 19.99 -3.25 -10.48
CA TRP A 554 20.70 -1.98 -10.20
C TRP A 554 21.53 -1.54 -11.39
N ILE A 555 21.85 -2.44 -12.36
CA ILE A 555 22.72 -2.10 -13.51
C ILE A 555 21.94 -2.28 -14.80
N GLN A 556 21.62 -3.53 -15.19
CA GLN A 556 21.15 -3.85 -16.57
C GLN A 556 19.85 -3.08 -16.86
N GLU A 557 18.83 -3.20 -16.01
CA GLU A 557 17.46 -2.69 -16.24
C GLU A 557 17.27 -1.30 -15.60
N ASN A 558 18.31 -0.74 -15.00
CA ASN A 558 18.27 0.60 -14.33
C ASN A 558 18.39 1.71 -15.38
N PRO A 559 17.31 2.43 -15.73
CA PRO A 559 17.37 3.44 -16.78
C PRO A 559 18.18 4.67 -16.34
N TRP A 560 18.55 4.80 -15.06
CA TRP A 560 19.40 5.92 -14.61
C TRP A 560 20.91 5.59 -14.63
N MET A 561 21.30 4.37 -15.03
CA MET A 561 22.71 3.86 -15.06
C MET A 561 23.13 3.74 -16.53
N GLU A 562 23.94 4.66 -17.04
CA GLU A 562 24.36 4.64 -18.47
C GLU A 562 25.39 3.50 -18.71
N ASP A 563 26.38 3.34 -17.86
CA ASP A 563 27.43 2.29 -17.98
C ASP A 563 26.87 0.96 -17.45
N LYS A 564 26.75 -0.05 -18.30
CA LYS A 564 26.14 -1.36 -17.97
C LYS A 564 27.21 -2.40 -17.60
N THR A 565 28.42 -2.00 -17.22
CA THR A 565 29.46 -2.97 -16.81
C THR A 565 28.94 -3.75 -15.60
N PRO A 566 28.81 -5.09 -15.67
CA PRO A 566 28.33 -5.87 -14.52
C PRO A 566 29.32 -5.79 -13.35
N VAL A 567 28.79 -5.96 -12.14
CA VAL A 567 29.59 -6.09 -10.91
C VAL A 567 29.94 -7.58 -10.74
N GLU A 568 31.19 -7.91 -10.40
CA GLU A 568 31.72 -9.31 -10.43
C GLU A 568 31.64 -9.90 -9.02
N SER A 569 31.61 -9.06 -7.97
CA SER A 569 31.52 -9.54 -6.58
C SER A 569 30.79 -8.53 -5.70
N TRP A 570 30.28 -9.03 -4.58
CA TRP A 570 29.63 -8.21 -3.53
C TRP A 570 30.59 -7.14 -2.99
N GLU A 571 31.91 -7.36 -3.03
CA GLU A 571 32.86 -6.36 -2.45
C GLU A 571 32.90 -5.07 -3.29
N GLU A 572 32.52 -5.11 -4.56
CA GLU A 572 32.37 -3.91 -5.40
C GLU A 572 31.15 -3.09 -5.00
N ILE A 573 30.24 -3.65 -4.19
CA ILE A 573 28.92 -2.99 -3.88
C ILE A 573 29.10 -2.24 -2.56
N PRO A 574 28.92 -0.90 -2.54
CA PRO A 574 29.30 -0.08 -1.39
C PRO A 574 28.28 -0.12 -0.24
N TYR A 575 28.71 0.39 0.92
CA TYR A 575 27.87 0.72 2.09
C TYR A 575 27.71 2.24 2.21
N LEU A 576 26.70 2.68 2.97
CA LEU A 576 26.61 4.07 3.49
C LEU A 576 27.91 4.36 4.24
N GLY A 577 28.27 5.63 4.41
CA GLY A 577 29.30 6.02 5.40
C GLY A 577 29.04 5.34 6.75
N LYS A 578 30.08 5.02 7.50
CA LYS A 578 29.87 4.39 8.83
C LYS A 578 29.03 5.28 9.73
N ARG A 579 29.24 6.60 9.73
CA ARG A 579 28.48 7.49 10.62
C ARG A 579 27.02 7.54 10.14
N GLU A 580 26.79 7.63 8.84
CA GLU A 580 25.40 7.64 8.28
C GLU A 580 24.67 6.31 8.62
N ASP A 581 25.38 5.19 8.65
CA ASP A 581 24.79 3.85 8.94
C ASP A 581 24.35 3.84 10.41
N GLN A 582 25.18 4.41 11.29
CA GLN A 582 24.82 4.58 12.73
C GLN A 582 23.61 5.51 12.86
N TRP A 583 23.59 6.67 12.20
CA TRP A 583 22.44 7.61 12.22
C TRP A 583 21.13 6.86 11.87
N CYS A 584 21.20 5.92 10.90
CA CYS A 584 20.00 5.19 10.44
C CYS A 584 19.81 3.87 11.22
N GLY A 585 20.45 3.71 12.39
CA GLY A 585 20.13 2.71 13.43
C GLY A 585 21.14 1.56 13.49
N SER A 586 22.24 1.55 12.74
CA SER A 586 23.27 0.47 12.79
C SER A 586 23.78 0.30 14.23
N LEU A 587 24.14 -0.93 14.57
CA LEU A 587 24.82 -1.25 15.85
C LEU A 587 26.33 -1.35 15.64
N ILE A 588 26.86 -1.02 14.45
CA ILE A 588 28.33 -1.05 14.22
C ILE A 588 28.98 -0.14 15.29
N GLY A 589 30.01 -0.63 15.97
CA GLY A 589 30.66 0.10 17.08
C GLY A 589 30.30 -0.48 18.43
N LEU A 590 29.21 -1.23 18.58
CA LEU A 590 28.82 -1.83 19.87
C LEU A 590 29.54 -3.19 20.07
N THR A 591 29.82 -3.47 21.32
CA THR A 591 30.40 -4.75 21.77
C THR A 591 29.45 -5.90 21.43
N SER A 592 28.15 -5.80 21.70
CA SER A 592 27.17 -6.87 21.30
C SER A 592 27.30 -7.20 19.80
N ARG A 593 27.42 -6.19 18.94
CA ARG A 593 27.41 -6.36 17.47
C ARG A 593 28.72 -7.03 17.05
N ALA A 594 29.85 -6.59 17.60
CA ALA A 594 31.19 -7.18 17.33
C ALA A 594 31.19 -8.68 17.65
N THR A 595 30.65 -9.09 18.78
CA THR A 595 30.64 -10.50 19.21
C THR A 595 29.77 -11.32 18.25
N TRP A 596 28.63 -10.77 17.89
CA TRP A 596 27.70 -11.39 16.92
C TRP A 596 28.41 -11.60 15.57
N ALA A 597 29.04 -10.57 15.01
CA ALA A 597 29.73 -10.68 13.68
C ALA A 597 30.86 -11.71 13.76
N LYS A 598 31.67 -11.64 14.81
CA LYS A 598 32.84 -12.52 15.01
C LYS A 598 32.40 -13.99 15.07
N ASN A 599 31.37 -14.28 15.85
CA ASN A 599 30.87 -15.64 16.16
C ASN A 599 29.71 -16.05 15.23
N ILE A 600 29.53 -15.44 14.08
CA ILE A 600 28.28 -15.66 13.28
C ILE A 600 28.13 -17.13 12.84
N GLN A 601 29.25 -17.83 12.60
N GLN A 601 29.25 -17.83 12.60
CA GLN A 601 29.21 -19.24 12.13
CA GLN A 601 29.20 -19.24 12.12
C GLN A 601 28.57 -20.13 13.21
C GLN A 601 28.57 -20.13 13.21
N THR A 602 28.76 -19.79 14.49
CA THR A 602 28.12 -20.51 15.61
C THR A 602 26.59 -20.34 15.58
N ALA A 603 26.10 -19.16 15.24
CA ALA A 603 24.65 -18.86 15.14
C ALA A 603 24.09 -19.61 13.96
N ILE A 604 24.80 -19.53 12.83
CA ILE A 604 24.39 -20.21 11.58
C ILE A 604 24.24 -21.71 11.88
N ASN A 605 25.22 -22.30 12.58
CA ASN A 605 25.26 -23.76 12.85
C ASN A 605 24.16 -24.13 13.86
N GLN A 606 23.78 -23.22 14.76
CA GLN A 606 22.64 -23.46 15.67
C GLN A 606 21.37 -23.68 14.85
N VAL A 607 21.10 -22.80 13.89
CA VAL A 607 19.88 -22.91 13.06
C VAL A 607 19.97 -24.18 12.16
N ARG A 608 21.12 -24.44 11.54
CA ARG A 608 21.32 -25.64 10.68
C ARG A 608 21.06 -26.95 11.47
N SER A 609 21.50 -27.01 12.72
CA SER A 609 21.27 -28.18 13.61
C SER A 609 19.76 -28.33 13.91
N LEU A 610 19.03 -27.22 14.06
CA LEU A 610 17.56 -27.29 14.28
C LEU A 610 16.86 -27.80 13.00
N ILE A 611 17.23 -27.29 11.83
CA ILE A 611 16.56 -27.64 10.55
C ILE A 611 16.92 -29.10 10.18
N GLY A 612 18.18 -29.49 10.36
CA GLY A 612 18.66 -30.89 10.18
C GLY A 612 19.68 -31.03 9.06
N ASN A 613 19.81 -32.25 8.52
CA ASN A 613 20.91 -32.65 7.60
C ASN A 613 20.47 -32.38 6.16
N GLU A 614 20.55 -31.11 5.75
CA GLU A 614 20.02 -30.59 4.48
C GLU A 614 21.24 -30.08 3.73
N GLU A 615 21.09 -29.63 2.50
CA GLU A 615 22.23 -29.08 1.71
C GLU A 615 22.21 -27.56 1.93
N TYR A 616 23.30 -27.03 2.48
CA TYR A 616 23.49 -25.57 2.77
C TYR A 616 24.71 -25.06 2.00
N THR A 617 24.70 -23.74 1.73
CA THR A 617 25.84 -22.99 1.13
C THR A 617 26.34 -21.97 2.17
N ASP A 618 27.66 -21.77 2.29
CA ASP A 618 28.24 -20.66 3.10
C ASP A 618 28.32 -19.40 2.21
N TYR A 619 27.49 -18.39 2.50
CA TYR A 619 27.59 -17.07 1.82
C TYR A 619 28.46 -16.06 2.59
N MET A 620 28.97 -16.35 3.79
CA MET A 620 29.73 -15.35 4.58
C MET A 620 31.03 -14.92 3.87
N PRO A 621 31.84 -15.80 3.20
CA PRO A 621 33.03 -15.33 2.48
C PRO A 621 32.84 -14.37 1.28
N SER A 622 31.59 -14.10 0.84
CA SER A 622 31.24 -13.00 -0.11
C SER A 622 31.55 -11.62 0.53
N MET A 623 31.75 -11.60 1.85
CA MET A 623 32.14 -10.42 2.66
C MET A 623 33.64 -10.46 2.94
N LYS A 624 34.32 -9.30 2.83
CA LYS A 624 35.80 -9.17 2.97
C LYS A 624 36.30 -9.81 4.28
N ARG A 625 35.63 -9.56 5.41
CA ARG A 625 36.12 -9.95 6.77
C ARG A 625 36.09 -11.46 6.98
N PHE A 626 35.27 -12.23 6.23
CA PHE A 626 35.14 -13.71 6.35
C PHE A 626 35.92 -14.38 5.22
N ARG A 627 36.64 -13.57 4.44
CA ARG A 627 37.42 -14.01 3.27
C ARG A 627 38.90 -14.09 3.67
N ARG A 628 39.24 -14.98 4.62
CA ARG A 628 40.64 -15.37 4.99
C ARG A 628 41.47 -14.17 5.44
ZN ZN B . 19.06 6.08 5.94
ZN ZN C . -24.15 -6.85 -4.41
O1 MES D . 12.07 -24.22 16.15
O1 MES D . 12.00 -23.86 16.09
C2 MES D . 12.12 -24.34 17.56
C2 MES D . 12.09 -23.84 17.50
C3 MES D . 11.78 -23.02 18.21
C3 MES D . 12.26 -22.43 18.02
N4 MES D . 12.75 -21.97 17.77
N4 MES D . 13.50 -21.82 17.43
C5 MES D . 12.77 -21.91 16.27
C5 MES D . 13.42 -21.91 15.93
C6 MES D . 13.00 -23.27 15.68
C6 MES D . 13.19 -23.34 15.52
C7 MES D . 12.45 -20.64 18.37
C7 MES D . 13.72 -20.41 17.90
C8 MES D . 13.64 -19.71 18.37
C8 MES D . 12.53 -19.82 18.62
S MES D . 13.31 -18.19 19.20
S MES D . 12.94 -18.35 19.53
O1S MES D . 13.24 -18.52 20.59
O1S MES D . 14.34 -18.48 19.88
O2S MES D . 14.42 -17.33 18.86
O2S MES D . 12.69 -17.25 18.66
O3S MES D . 12.07 -17.69 18.66
O3S MES D . 12.09 -18.34 20.69
S DMS E . 23.15 -14.32 -0.01
O DMS E . 24.12 -13.55 -0.96
C1 DMS E . 21.96 -15.12 -1.03
C2 DMS E . 22.08 -13.04 0.61
S DMS F . 33.35 -2.75 0.45
O DMS F . 32.01 -2.84 -0.24
C1 DMS F . 33.51 -4.24 1.43
C2 DMS F . 33.20 -1.58 1.79
S DMS G . 8.78 -10.20 2.56
O DMS G . 8.57 -10.59 1.11
C1 DMS G . 8.46 -8.47 2.60
C2 DMS G . 10.51 -10.07 2.77
C1 PEG H . 10.26 -12.69 -8.96
O1 PEG H . 10.60 -11.72 -9.94
C2 PEG H . 8.81 -13.07 -8.98
O2 PEG H . 8.55 -14.07 -8.00
C3 PEG H . 7.16 -14.38 -7.84
C4 PEG H . 6.51 -13.39 -6.92
O4 PEG H . 6.16 -13.95 -5.67
P PO4 I . 4.31 11.64 3.09
O1 PO4 I . 4.85 12.44 4.41
O2 PO4 I . 3.09 12.45 2.37
O3 PO4 I . 5.48 11.44 1.99
O4 PO4 I . 3.88 10.28 3.54
P PO4 J . -23.65 8.11 -15.07
O1 PO4 J . -23.55 7.49 -13.66
O2 PO4 J . -23.72 9.64 -14.91
O3 PO4 J . -22.39 7.72 -15.91
O4 PO4 J . -24.91 7.61 -15.80
C1 PEG K . 12.72 7.61 -16.31
O1 PEG K . 12.77 6.30 -16.85
C2 PEG K . 13.71 8.51 -16.95
O2 PEG K . 14.98 7.87 -16.98
C3 PEG K . 15.91 8.47 -17.87
C4 PEG K . 16.86 9.35 -17.11
O4 PEG K . 18.20 9.16 -17.50
N1 A1AM1 L . 22.69 -32.32 10.99
N3 A1AM1 L . 24.67 -32.09 10.05
C4 A1AM1 L . 23.62 -31.46 10.66
C5 A1AM1 L . 24.34 -33.42 10.07
C6 A1AM1 L . 25.32 -34.44 9.61
C7 A1AM1 L . 26.74 -33.90 9.46
C8 A1AM1 L . 26.72 -32.58 8.70
N A1AM1 L . 24.10 -29.15 9.98
C A1AM1 L . 26.43 -28.33 12.34
O A1AM1 L . 25.95 -28.11 9.23
C1 A1AM1 L . 25.31 -27.71 11.50
C2 A1AM1 L . 25.15 -28.35 10.14
C3 A1AM1 L . 23.60 -30.00 11.03
C9 A1AM1 L . 25.91 -31.54 9.45
N2 A1AM1 L . 23.16 -33.59 10.61
#